data_3A7H
#
_entry.id   3A7H
#
_cell.length_a   55.678
_cell.length_b   95.194
_cell.length_c   61.482
_cell.angle_alpha   90.00
_cell.angle_beta   93.45
_cell.angle_gamma   90.00
#
_symmetry.space_group_name_H-M   'P 1 21 1'
#
loop_
_entity.id
_entity.type
_entity.pdbx_description
1 polymer 'Serine/threonine kinase 24 (STE20 homolog, yeast)'
2 non-polymer "ADENOSINE-5'-TRIPHOSPHATE"
3 water water
#
_entity_poly.entity_id   1
_entity_poly.type   'polypeptide(L)'
_entity_poly.pdbx_seq_one_letter_code
;MAHSPVQSGLPGMQNLKADPEELFTKLEKIGKGSFGEVFKGIDNRTQKVVAIKIIDLEEAEDEIEDIQQEITVLSQCDSP
YVTKYYGSYLKDTKLWIIMEYLGGGSALDLLEPGPLDETQIATILREILKGLDYLHSEKKIHRDIKAANVLLSEHGEVKL
ADFGVAGQLTDTQIKRN(TPO)FVGTPFWMAPEVIKQSAYDSKADIWSLGITAIELARGEPPHSELHPMKVLFLIPKNNP
PTLEGNYSKPLKEFVEACLNKEPSFRPTAKELLKHKFILRNAKKTSYLTELIDRYKRWKAEQSHDDS
;
_entity_poly.pdbx_strand_id   A,B
#
loop_
_chem_comp.id
_chem_comp.type
_chem_comp.name
_chem_comp.formula
ATP non-polymer ADENOSINE-5'-TRIPHOSPHATE 'C10 H16 N5 O13 P3'
#
# COMPACT_ATOMS: atom_id res chain seq x y z
N GLY A 9 -13.51 19.42 -23.73
CA GLY A 9 -14.40 18.21 -23.85
C GLY A 9 -14.16 17.23 -22.71
N LEU A 10 -14.37 15.94 -22.96
CA LEU A 10 -14.15 14.95 -21.91
C LEU A 10 -12.70 14.46 -21.93
N PRO A 11 -11.92 14.71 -20.84
CA PRO A 11 -10.54 14.21 -20.89
C PRO A 11 -10.49 12.70 -20.97
N GLY A 12 -9.41 12.20 -21.56
CA GLY A 12 -9.24 10.77 -21.68
C GLY A 12 -10.14 10.09 -22.70
N MET A 13 -11.01 10.88 -23.34
CA MET A 13 -11.93 10.41 -24.37
C MET A 13 -11.12 9.94 -25.58
N GLN A 14 -11.35 8.71 -26.00
CA GLN A 14 -10.66 8.11 -27.15
C GLN A 14 -11.56 8.16 -28.39
N ASN A 15 -10.92 8.31 -29.55
CA ASN A 15 -11.65 8.38 -30.81
C ASN A 15 -12.46 7.10 -31.04
N LEU A 16 -13.44 7.19 -31.94
CA LEU A 16 -14.26 6.02 -32.23
C LEU A 16 -13.42 4.89 -32.79
N LYS A 17 -12.22 5.21 -33.28
CA LYS A 17 -11.31 4.20 -33.84
C LYS A 17 -11.04 3.10 -32.80
N ALA A 18 -10.98 3.49 -31.55
CA ALA A 18 -10.75 2.53 -30.48
C ALA A 18 -12.07 1.91 -30.09
N ASP A 19 -12.29 0.68 -30.55
CA ASP A 19 -13.52 -0.06 -30.27
C ASP A 19 -13.38 -0.66 -28.87
N PRO A 20 -14.18 -0.16 -27.92
CA PRO A 20 -14.10 -0.69 -26.57
C PRO A 20 -14.52 -2.13 -26.49
N GLU A 21 -15.35 -2.56 -27.42
CA GLU A 21 -15.78 -3.96 -27.39
C GLU A 21 -14.61 -4.88 -27.79
N GLU A 22 -13.55 -4.32 -28.36
CA GLU A 22 -12.43 -5.17 -28.72
C GLU A 22 -11.25 -4.95 -27.79
N LEU A 23 -11.19 -3.81 -27.13
CA LEU A 23 -10.08 -3.54 -26.23
C LEU A 23 -10.43 -4.03 -24.79
N PHE A 24 -11.71 -4.18 -24.47
CA PHE A 24 -12.10 -4.62 -23.13
C PHE A 24 -13.02 -5.83 -23.17
N THR A 25 -12.83 -6.76 -22.25
CA THR A 25 -13.69 -7.92 -22.16
C THR A 25 -14.49 -7.80 -20.90
N LYS A 26 -15.82 -7.77 -21.05
CA LYS A 26 -16.71 -7.65 -19.93
C LYS A 26 -16.84 -9.05 -19.32
N LEU A 27 -16.67 -9.14 -18.02
CA LEU A 27 -16.76 -10.44 -17.37
C LEU A 27 -18.14 -10.67 -16.79
N GLU A 28 -18.68 -9.66 -16.12
CA GLU A 28 -20.00 -9.75 -15.50
C GLU A 28 -20.55 -8.35 -15.14
N LYS A 29 -21.88 -8.22 -15.18
CA LYS A 29 -22.54 -6.97 -14.82
C LYS A 29 -22.43 -6.88 -13.31
N ILE A 30 -21.87 -5.79 -12.79
CA ILE A 30 -21.72 -5.68 -11.33
C ILE A 30 -22.50 -4.54 -10.71
N GLY A 31 -23.36 -3.89 -11.47
CA GLY A 31 -24.12 -2.78 -10.92
C GLY A 31 -24.96 -2.07 -11.95
N LYS A 32 -26.01 -1.39 -11.50
CA LYS A 32 -26.89 -0.68 -12.41
C LYS A 32 -27.32 0.57 -11.69
N GLY A 33 -26.58 1.65 -11.89
CA GLY A 33 -26.95 2.89 -11.23
C GLY A 33 -28.08 3.57 -11.98
N SER A 34 -28.04 4.91 -11.94
CA SER A 34 -29.04 5.76 -12.62
C SER A 34 -28.69 5.87 -14.10
N PHE A 35 -27.48 6.36 -14.31
CA PHE A 35 -26.90 6.62 -15.62
C PHE A 35 -26.83 5.46 -16.63
N GLY A 36 -26.32 4.31 -16.20
CA GLY A 36 -26.22 3.18 -17.12
C GLY A 36 -26.00 1.85 -16.41
N GLU A 37 -24.97 1.11 -16.81
CA GLU A 37 -24.66 -0.18 -16.16
C GLU A 37 -23.18 -0.27 -15.86
N VAL A 38 -22.81 -1.01 -14.82
CA VAL A 38 -21.40 -1.14 -14.48
C VAL A 38 -20.96 -2.61 -14.57
N PHE A 39 -19.84 -2.82 -15.25
CA PHE A 39 -19.33 -4.16 -15.43
C PHE A 39 -17.92 -4.28 -14.89
N LYS A 40 -17.55 -5.52 -14.60
CA LYS A 40 -16.21 -5.86 -14.20
C LYS A 40 -15.66 -6.37 -15.50
N GLY A 41 -14.48 -5.91 -15.84
CA GLY A 41 -13.91 -6.39 -17.07
C GLY A 41 -12.42 -6.39 -16.96
N ILE A 42 -11.79 -6.69 -18.11
CA ILE A 42 -10.36 -6.77 -18.31
C ILE A 42 -9.90 -5.87 -19.47
N ASP A 43 -8.81 -5.14 -19.27
CA ASP A 43 -8.25 -4.36 -20.37
C ASP A 43 -7.40 -5.43 -21.00
N ASN A 44 -7.81 -5.92 -22.18
CA ASN A 44 -7.08 -7.00 -22.87
C ASN A 44 -5.64 -6.64 -23.22
N ARG A 45 -5.39 -5.37 -23.43
CA ARG A 45 -4.05 -4.94 -23.79
C ARG A 45 -3.03 -5.14 -22.68
N THR A 46 -3.45 -4.90 -21.44
CA THR A 46 -2.56 -5.02 -20.29
C THR A 46 -2.98 -6.10 -19.31
N GLN A 47 -4.05 -6.80 -19.62
CA GLN A 47 -4.59 -7.84 -18.73
C GLN A 47 -4.72 -7.35 -17.29
N LYS A 48 -5.29 -6.17 -17.12
CA LYS A 48 -5.54 -5.63 -15.79
C LYS A 48 -7.03 -5.46 -15.64
N VAL A 49 -7.54 -5.82 -14.46
CA VAL A 49 -8.97 -5.71 -14.21
C VAL A 49 -9.39 -4.23 -14.07
N VAL A 50 -10.56 -3.90 -14.59
CA VAL A 50 -11.08 -2.55 -14.50
C VAL A 50 -12.58 -2.61 -14.26
N ALA A 51 -13.17 -1.48 -13.87
CA ALA A 51 -14.65 -1.37 -13.73
C ALA A 51 -15.00 -0.64 -15.02
N ILE A 52 -16.07 -1.09 -15.69
CA ILE A 52 -16.50 -0.46 -16.94
C ILE A 52 -17.93 0.06 -16.78
N LYS A 53 -18.07 1.37 -16.90
CA LYS A 53 -19.39 1.99 -16.78
C LYS A 53 -19.82 2.38 -18.20
N ILE A 54 -20.99 1.87 -18.63
CA ILE A 54 -21.50 2.12 -19.97
C ILE A 54 -22.77 2.96 -19.90
N ILE A 55 -22.80 4.08 -20.61
CA ILE A 55 -23.99 4.95 -20.55
C ILE A 55 -24.44 5.20 -21.97
N ASP A 56 -25.74 5.19 -22.20
CA ASP A 56 -26.21 5.44 -23.56
C ASP A 56 -26.39 6.94 -23.73
N LEU A 57 -25.59 7.54 -24.62
CA LEU A 57 -25.64 8.99 -24.83
C LEU A 57 -26.92 9.49 -25.50
N GLU A 58 -27.62 8.58 -26.18
CA GLU A 58 -28.89 8.89 -26.86
C GLU A 58 -29.97 8.85 -25.78
N GLU A 59 -30.01 7.77 -25.02
CA GLU A 59 -31.01 7.58 -23.97
C GLU A 59 -30.91 8.49 -22.76
N ALA A 60 -30.07 9.51 -22.82
CA ALA A 60 -29.96 10.42 -21.68
C ALA A 60 -29.68 11.85 -22.13
N GLU A 61 -29.80 12.79 -21.20
CA GLU A 61 -29.59 14.19 -21.52
C GLU A 61 -28.96 14.98 -20.40
N ASP A 62 -29.79 15.44 -19.47
CA ASP A 62 -29.30 16.24 -18.36
C ASP A 62 -28.35 15.45 -17.44
N GLU A 63 -28.25 14.14 -17.67
CA GLU A 63 -27.34 13.31 -16.88
C GLU A 63 -25.93 13.38 -17.51
N ILE A 64 -25.83 13.98 -18.69
CA ILE A 64 -24.54 14.06 -19.36
C ILE A 64 -23.68 15.09 -18.68
N GLU A 65 -24.24 16.20 -18.23
CA GLU A 65 -23.48 17.23 -17.51
C GLU A 65 -22.72 16.60 -16.31
N ASP A 66 -23.45 15.79 -15.56
CA ASP A 66 -22.90 15.18 -14.35
C ASP A 66 -21.83 14.19 -14.64
N ILE A 67 -22.02 13.46 -15.73
CA ILE A 67 -21.08 12.45 -16.13
C ILE A 67 -19.79 13.15 -16.53
N GLN A 68 -19.92 14.18 -17.35
CA GLN A 68 -18.76 14.89 -17.83
C GLN A 68 -18.04 15.52 -16.68
N GLN A 69 -18.80 16.08 -15.76
CA GLN A 69 -18.20 16.72 -14.57
C GLN A 69 -17.44 15.70 -13.74
N GLU A 70 -18.07 14.54 -13.50
CA GLU A 70 -17.42 13.52 -12.68
C GLU A 70 -16.14 13.10 -13.31
N ILE A 71 -16.14 12.91 -14.62
CA ILE A 71 -14.90 12.53 -15.26
C ILE A 71 -13.87 13.65 -15.28
N THR A 72 -14.30 14.90 -15.38
CA THR A 72 -13.28 15.95 -15.39
C THR A 72 -12.53 15.99 -14.09
N VAL A 73 -13.29 15.92 -12.98
CA VAL A 73 -12.65 15.96 -11.68
C VAL A 73 -11.79 14.72 -11.46
N LEU A 74 -12.30 13.53 -11.75
CA LEU A 74 -11.47 12.33 -11.55
C LEU A 74 -10.17 12.37 -12.37
N SER A 75 -10.17 12.98 -13.54
CA SER A 75 -8.93 12.99 -14.32
C SER A 75 -7.90 13.97 -13.69
N GLN A 76 -8.36 14.84 -12.79
CA GLN A 76 -7.41 15.78 -12.14
C GLN A 76 -6.92 15.32 -10.78
N CYS A 77 -7.39 14.15 -10.36
CA CYS A 77 -6.97 13.60 -9.07
C CYS A 77 -5.94 12.47 -9.23
N ASP A 78 -4.94 12.45 -8.37
CA ASP A 78 -4.00 11.35 -8.44
C ASP A 78 -3.73 10.97 -6.99
N SER A 79 -4.48 10.01 -6.46
CA SER A 79 -4.36 9.66 -5.07
C SER A 79 -4.87 8.25 -4.85
N PRO A 80 -4.21 7.47 -3.99
CA PRO A 80 -4.74 6.12 -3.80
C PRO A 80 -6.06 6.19 -2.97
N TYR A 81 -6.49 7.37 -2.58
CA TYR A 81 -7.75 7.55 -1.84
C TYR A 81 -8.94 7.89 -2.76
N VAL A 82 -8.65 8.17 -4.04
CA VAL A 82 -9.65 8.53 -5.03
C VAL A 82 -9.65 7.56 -6.20
N THR A 83 -10.83 7.01 -6.52
CA THR A 83 -10.95 6.07 -7.63
C THR A 83 -10.28 6.55 -8.88
N LYS A 84 -9.41 5.72 -9.44
CA LYS A 84 -8.74 6.12 -10.67
C LYS A 84 -9.57 6.06 -11.95
N TYR A 85 -9.26 6.99 -12.86
CA TYR A 85 -9.97 7.05 -14.13
C TYR A 85 -8.98 6.76 -15.25
N TYR A 86 -9.33 5.81 -16.11
CA TYR A 86 -8.42 5.40 -17.18
C TYR A 86 -8.72 5.80 -18.60
N GLY A 87 -9.81 6.51 -18.80
CA GLY A 87 -10.19 6.96 -20.12
C GLY A 87 -11.63 6.58 -20.46
N SER A 88 -12.11 7.11 -21.57
CA SER A 88 -13.45 6.86 -22.05
C SER A 88 -13.37 6.46 -23.51
N TYR A 89 -14.32 5.64 -23.93
CA TYR A 89 -14.39 5.19 -25.31
C TYR A 89 -15.82 5.36 -25.76
N LEU A 90 -16.00 5.56 -27.07
CA LEU A 90 -17.33 5.78 -27.64
C LEU A 90 -17.68 4.65 -28.58
N LYS A 91 -18.88 4.08 -28.48
CA LYS A 91 -19.25 2.98 -29.41
C LYS A 91 -20.68 3.26 -29.84
N ASP A 92 -20.81 3.83 -31.05
CA ASP A 92 -22.09 4.23 -31.59
C ASP A 92 -22.65 5.20 -30.56
N THR A 93 -23.72 4.91 -29.84
CA THR A 93 -24.14 5.93 -28.85
C THR A 93 -23.78 5.59 -27.42
N LYS A 94 -22.93 4.59 -27.23
CA LYS A 94 -22.59 4.20 -25.85
C LYS A 94 -21.25 4.74 -25.43
N LEU A 95 -21.22 5.41 -24.28
CA LEU A 95 -19.98 5.91 -23.68
C LEU A 95 -19.52 4.84 -22.64
N TRP A 96 -18.31 4.33 -22.80
CA TRP A 96 -17.72 3.36 -21.88
C TRP A 96 -16.70 4.13 -21.05
N ILE A 97 -16.92 4.23 -19.74
CA ILE A 97 -15.98 4.90 -18.84
C ILE A 97 -15.21 3.83 -18.07
N ILE A 98 -13.88 3.85 -18.24
CA ILE A 98 -12.99 2.88 -17.62
C ILE A 98 -12.37 3.42 -16.32
N MET A 99 -12.57 2.67 -15.25
CA MET A 99 -12.07 3.07 -13.94
C MET A 99 -11.45 1.89 -13.21
N GLU A 100 -10.80 2.25 -12.10
CA GLU A 100 -10.19 1.34 -11.19
C GLU A 100 -11.34 0.47 -10.64
N TYR A 101 -11.16 -0.84 -10.64
CA TYR A 101 -12.20 -1.76 -10.16
C TYR A 101 -12.13 -1.88 -8.63
N LEU A 102 -13.25 -1.74 -7.95
CA LEU A 102 -13.23 -1.82 -6.51
C LEU A 102 -14.23 -2.89 -6.16
N GLY A 103 -13.73 -4.09 -5.93
CA GLY A 103 -14.61 -5.23 -5.67
C GLY A 103 -15.17 -5.54 -4.28
N GLY A 104 -14.86 -4.69 -3.29
CA GLY A 104 -15.33 -4.92 -1.91
C GLY A 104 -16.74 -4.43 -1.59
N GLY A 105 -17.27 -3.60 -2.49
CA GLY A 105 -18.61 -3.02 -2.34
C GLY A 105 -18.51 -1.62 -1.70
N SER A 106 -19.64 -0.93 -1.56
CA SER A 106 -19.62 0.37 -0.89
C SER A 106 -19.76 0.20 0.66
N ALA A 107 -19.37 1.22 1.43
CA ALA A 107 -19.55 1.12 2.85
C ALA A 107 -21.07 0.92 3.13
N LEU A 108 -21.95 1.50 2.32
CA LEU A 108 -23.37 1.30 2.57
C LEU A 108 -23.76 -0.19 2.36
N ASP A 109 -23.14 -0.83 1.36
CA ASP A 109 -23.39 -2.25 1.10
C ASP A 109 -22.90 -3.05 2.31
N LEU A 110 -21.76 -2.68 2.88
CA LEU A 110 -21.21 -3.39 4.01
C LEU A 110 -22.08 -3.30 5.27
N LEU A 111 -23.07 -2.40 5.27
CA LEU A 111 -24.01 -2.25 6.40
C LEU A 111 -25.22 -3.15 6.24
N GLU A 112 -25.43 -3.62 5.02
CA GLU A 112 -26.58 -4.46 4.71
C GLU A 112 -26.76 -5.67 5.65
N PRO A 113 -25.67 -6.42 5.96
CA PRO A 113 -25.66 -7.61 6.83
C PRO A 113 -25.96 -7.37 8.31
N GLY A 114 -25.38 -6.30 8.88
CA GLY A 114 -25.62 -5.97 10.28
C GLY A 114 -24.81 -4.75 10.64
N PRO A 115 -24.67 -4.42 11.93
CA PRO A 115 -23.89 -3.22 12.29
C PRO A 115 -22.37 -3.33 12.19
N LEU A 116 -21.69 -2.20 12.19
CA LEU A 116 -20.25 -2.26 12.19
C LEU A 116 -19.86 -2.05 13.65
N ASP A 117 -18.64 -2.45 14.00
CA ASP A 117 -18.18 -2.23 15.33
C ASP A 117 -17.42 -0.93 15.24
N GLU A 118 -17.08 -0.33 16.36
CA GLU A 118 -16.44 0.95 16.32
C GLU A 118 -15.09 0.88 15.62
N THR A 119 -14.49 -0.31 15.64
CA THR A 119 -13.20 -0.46 14.96
C THR A 119 -13.39 -0.31 13.48
N GLN A 120 -14.41 -0.96 12.97
CA GLN A 120 -14.66 -0.89 11.57
C GLN A 120 -15.06 0.54 11.19
N ILE A 121 -15.95 1.14 11.98
CA ILE A 121 -16.35 2.51 11.72
C ILE A 121 -15.11 3.46 11.66
N ALA A 122 -14.25 3.40 12.68
CA ALA A 122 -13.02 4.23 12.73
C ALA A 122 -12.10 4.02 11.54
N THR A 123 -11.97 2.74 11.14
CA THR A 123 -11.08 2.41 10.03
C THR A 123 -11.60 3.04 8.76
N ILE A 124 -12.88 2.87 8.49
CA ILE A 124 -13.49 3.48 7.31
C ILE A 124 -13.39 5.01 7.34
N LEU A 125 -13.76 5.64 8.46
CA LEU A 125 -13.68 7.08 8.54
C LEU A 125 -12.24 7.60 8.33
N ARG A 126 -11.26 6.88 8.87
CA ARG A 126 -9.90 7.33 8.75
C ARG A 126 -9.54 7.37 7.29
N GLU A 127 -9.86 6.34 6.51
CA GLU A 127 -9.53 6.37 5.09
C GLU A 127 -10.32 7.44 4.29
N ILE A 128 -11.55 7.72 4.69
CA ILE A 128 -12.30 8.74 4.00
C ILE A 128 -11.65 10.10 4.27
N LEU A 129 -11.19 10.25 5.51
CA LEU A 129 -10.55 11.46 5.96
C LEU A 129 -9.24 11.63 5.13
N LYS A 130 -8.59 10.52 4.75
CA LYS A 130 -7.36 10.69 3.96
C LYS A 130 -7.73 11.20 2.60
N GLY A 131 -8.81 10.67 2.03
CA GLY A 131 -9.30 11.15 0.75
C GLY A 131 -9.74 12.61 0.83
N LEU A 132 -10.49 13.02 1.87
CA LEU A 132 -10.90 14.43 1.96
C LEU A 132 -9.71 15.36 2.10
N ASP A 133 -8.73 14.95 2.87
CA ASP A 133 -7.56 15.80 3.07
C ASP A 133 -6.86 16.01 1.72
N TYR A 134 -6.76 14.96 0.90
CA TYR A 134 -6.12 15.10 -0.45
C TYR A 134 -6.95 16.06 -1.29
N LEU A 135 -8.23 15.78 -1.37
CA LEU A 135 -9.07 16.66 -2.17
C LEU A 135 -9.03 18.07 -1.67
N HIS A 136 -9.09 18.24 -0.35
CA HIS A 136 -9.10 19.61 0.15
C HIS A 136 -7.80 20.33 -0.14
N SER A 137 -6.68 19.63 -0.05
CA SER A 137 -5.35 20.20 -0.33
C SER A 137 -5.28 20.64 -1.82
N GLU A 138 -5.98 19.90 -2.68
CA GLU A 138 -6.04 20.21 -4.10
C GLU A 138 -7.15 21.22 -4.36
N LYS A 139 -7.65 21.85 -3.31
CA LYS A 139 -8.72 22.82 -3.47
C LYS A 139 -9.98 22.24 -4.13
N LYS A 140 -10.26 20.96 -3.91
CA LYS A 140 -11.49 20.39 -4.48
C LYS A 140 -12.49 20.06 -3.34
N ILE A 141 -13.79 20.03 -3.65
CA ILE A 141 -14.79 19.70 -2.63
C ILE A 141 -15.51 18.51 -3.21
N HIS A 142 -15.70 17.45 -2.42
CA HIS A 142 -16.42 16.30 -2.93
C HIS A 142 -17.89 16.67 -3.18
N ARG A 143 -18.54 17.25 -2.18
CA ARG A 143 -19.93 17.65 -2.24
C ARG A 143 -21.01 16.57 -2.08
N ASP A 144 -20.64 15.30 -2.13
CA ASP A 144 -21.63 14.20 -1.95
C ASP A 144 -21.01 13.03 -1.13
N ILE A 145 -20.45 13.39 0.03
CA ILE A 145 -19.88 12.35 0.93
C ILE A 145 -21.09 11.63 1.67
N LYS A 146 -21.14 10.29 1.57
CA LYS A 146 -22.16 9.43 2.20
C LYS A 146 -21.66 8.02 2.01
N ALA A 147 -22.10 7.09 2.85
CA ALA A 147 -21.57 5.72 2.77
C ALA A 147 -21.74 5.02 1.37
N ALA A 148 -22.73 5.44 0.59
CA ALA A 148 -23.00 4.86 -0.74
C ALA A 148 -21.89 5.28 -1.72
N ASN A 149 -21.19 6.37 -1.39
CA ASN A 149 -20.13 6.87 -2.27
C ASN A 149 -18.71 6.54 -1.79
N VAL A 150 -18.59 5.64 -0.81
CA VAL A 150 -17.29 5.22 -0.27
C VAL A 150 -17.14 3.77 -0.70
N LEU A 151 -16.23 3.51 -1.65
CA LEU A 151 -16.08 2.15 -2.20
C LEU A 151 -14.90 1.38 -1.65
N LEU A 152 -15.07 0.07 -1.49
CA LEU A 152 -13.94 -0.70 -0.99
C LEU A 152 -13.39 -1.68 -2.04
N SER A 153 -12.08 -1.90 -1.99
CA SER A 153 -11.42 -2.87 -2.88
C SER A 153 -11.63 -4.22 -2.18
N GLU A 154 -11.38 -5.35 -2.86
CA GLU A 154 -11.60 -6.59 -2.15
C GLU A 154 -10.63 -6.82 -0.97
N HIS A 155 -9.48 -6.15 -0.96
CA HIS A 155 -8.58 -6.34 0.18
C HIS A 155 -8.81 -5.34 1.29
N GLY A 156 -9.85 -4.51 1.19
CA GLY A 156 -10.12 -3.56 2.27
C GLY A 156 -9.73 -2.09 2.06
N GLU A 157 -9.16 -1.74 0.91
CA GLU A 157 -8.82 -0.35 0.66
C GLU A 157 -10.09 0.46 0.43
N VAL A 158 -10.12 1.64 1.02
CA VAL A 158 -11.28 2.52 0.95
C VAL A 158 -11.05 3.74 0.08
N LYS A 159 -11.99 3.98 -0.85
CA LYS A 159 -11.84 5.12 -1.75
C LYS A 159 -13.08 5.93 -2.02
N LEU A 160 -12.84 7.19 -2.32
CA LEU A 160 -13.90 8.11 -2.66
C LEU A 160 -14.33 7.95 -4.12
N ALA A 161 -15.65 7.94 -4.31
CA ALA A 161 -16.23 7.79 -5.62
C ALA A 161 -17.37 8.78 -5.81
N ASP A 162 -17.94 8.82 -7.01
CA ASP A 162 -19.11 9.67 -7.28
C ASP A 162 -18.97 11.17 -6.93
N PHE A 163 -18.09 11.82 -7.64
CA PHE A 163 -17.89 13.21 -7.38
C PHE A 163 -19.16 13.88 -7.91
N GLY A 164 -19.34 13.62 -9.23
CA GLY A 164 -20.44 14.05 -10.10
C GLY A 164 -20.80 15.50 -9.94
N VAL A 165 -20.88 15.90 -8.70
CA VAL A 165 -21.22 17.25 -8.32
C VAL A 165 -20.06 17.81 -7.55
N ALA A 166 -18.89 17.19 -7.67
CA ALA A 166 -17.70 17.70 -6.97
C ALA A 166 -17.39 19.11 -7.47
N GLY A 167 -17.01 19.99 -6.53
CA GLY A 167 -16.69 21.39 -6.84
C GLY A 167 -15.21 21.80 -6.85
N GLN A 168 -14.90 22.90 -7.54
CA GLN A 168 -13.51 23.37 -7.59
C GLN A 168 -13.38 24.82 -7.07
N LEU A 169 -12.84 24.96 -5.87
CA LEU A 169 -12.62 26.27 -5.24
C LEU A 169 -11.31 26.80 -5.78
N THR A 170 -11.30 27.24 -7.04
CA THR A 170 -10.08 27.80 -7.62
C THR A 170 -9.84 29.28 -7.34
N ASP A 171 -8.82 29.80 -8.01
CA ASP A 171 -8.35 31.19 -7.90
C ASP A 171 -9.39 32.31 -7.75
N THR A 172 -10.24 32.49 -8.77
CA THR A 172 -11.24 33.55 -8.77
C THR A 172 -12.58 33.14 -8.17
N GLN A 173 -12.59 32.02 -7.46
CA GLN A 173 -13.81 31.52 -6.83
C GLN A 173 -13.47 30.64 -5.63
N ILE A 174 -13.09 31.31 -4.54
CA ILE A 174 -12.69 30.70 -3.27
C ILE A 174 -13.85 30.07 -2.48
N LYS A 175 -15.06 30.15 -3.02
CA LYS A 175 -16.24 29.59 -2.36
C LYS A 175 -17.30 29.24 -3.41
N ARG A 176 -18.17 28.29 -3.08
CA ARG A 176 -19.23 27.87 -3.98
C ARG A 176 -20.57 28.24 -3.36
N ASN A 177 -21.65 28.21 -4.16
CA ASN A 177 -23.00 28.56 -3.69
C ASN A 177 -24.10 27.61 -4.20
N TPO A 178 -23.73 26.69 -5.08
CA TPO A 178 -24.66 25.74 -5.70
CB TPO A 178 -23.95 24.90 -6.81
CG2 TPO A 178 -24.95 23.99 -7.54
OG1 TPO A 178 -23.36 25.79 -7.76
P TPO A 178 -21.79 25.68 -8.07
O1P TPO A 178 -21.06 25.82 -6.75
O2P TPO A 178 -21.36 26.80 -9.00
O3P TPO A 178 -21.48 24.38 -8.75
C TPO A 178 -25.32 24.76 -4.74
O TPO A 178 -24.64 24.03 -3.98
N PHE A 179 -26.65 24.73 -4.81
CA PHE A 179 -27.40 23.80 -3.99
C PHE A 179 -27.15 22.46 -4.67
N VAL A 180 -26.26 21.68 -4.05
CA VAL A 180 -25.88 20.39 -4.59
C VAL A 180 -25.61 19.35 -3.47
N GLY A 181 -25.83 18.06 -3.79
CA GLY A 181 -25.64 16.94 -2.86
C GLY A 181 -26.94 16.17 -2.58
N THR A 182 -26.94 15.31 -1.57
CA THR A 182 -28.14 14.53 -1.20
C THR A 182 -28.58 15.17 0.12
N PRO A 183 -29.84 15.72 0.16
CA PRO A 183 -30.42 16.41 1.31
C PRO A 183 -30.02 15.98 2.72
N PHE A 184 -30.21 14.71 3.08
CA PHE A 184 -29.88 14.25 4.44
C PHE A 184 -28.44 14.46 4.86
N TRP A 185 -27.54 14.49 3.90
CA TRP A 185 -26.08 14.63 4.23
C TRP A 185 -25.56 16.06 3.97
N MET A 186 -26.46 16.97 3.57
CA MET A 186 -26.08 18.29 3.24
C MET A 186 -25.92 19.23 4.42
N ALA A 187 -24.82 19.97 4.37
CA ALA A 187 -24.50 20.98 5.39
C ALA A 187 -25.50 22.13 5.30
N PRO A 188 -25.78 22.76 6.45
CA PRO A 188 -26.72 23.89 6.56
C PRO A 188 -26.40 25.04 5.59
N GLU A 189 -25.11 25.39 5.43
CA GLU A 189 -24.80 26.50 4.52
C GLU A 189 -25.02 26.16 3.06
N VAL A 190 -24.89 24.89 2.70
CA VAL A 190 -25.11 24.43 1.34
C VAL A 190 -26.61 24.53 1.07
N ILE A 191 -27.43 24.08 2.01
CA ILE A 191 -28.86 24.21 1.79
C ILE A 191 -29.26 25.69 1.67
N LYS A 192 -28.74 26.55 2.53
CA LYS A 192 -29.11 27.97 2.41
C LYS A 192 -28.38 28.71 1.29
N GLN A 193 -27.54 27.98 0.55
CA GLN A 193 -26.69 28.46 -0.54
C GLN A 193 -25.79 29.63 -0.17
N SER A 194 -25.23 29.59 1.03
CA SER A 194 -24.28 30.61 1.45
C SER A 194 -22.98 30.24 0.77
N ALA A 195 -22.01 31.14 0.82
CA ALA A 195 -20.70 30.83 0.22
C ALA A 195 -20.15 29.70 1.09
N TYR A 196 -19.81 28.55 0.47
CA TYR A 196 -19.26 27.44 1.24
C TYR A 196 -18.01 26.83 0.60
N ASP A 197 -17.39 25.90 1.32
CA ASP A 197 -16.18 25.23 0.83
C ASP A 197 -15.95 23.84 1.44
N SER A 198 -14.68 23.49 1.61
CA SER A 198 -14.28 22.18 2.15
C SER A 198 -15.05 21.78 3.44
N LYS A 199 -15.42 22.78 4.25
CA LYS A 199 -16.13 22.50 5.50
C LYS A 199 -17.50 21.82 5.29
N ALA A 200 -18.10 21.98 4.12
CA ALA A 200 -19.39 21.32 3.86
C ALA A 200 -19.14 19.80 3.84
N ASP A 201 -17.97 19.40 3.33
CA ASP A 201 -17.61 18.00 3.27
C ASP A 201 -17.41 17.50 4.68
N ILE A 202 -16.92 18.35 5.62
CA ILE A 202 -16.71 17.87 6.95
C ILE A 202 -18.08 17.61 7.64
N TRP A 203 -19.04 18.46 7.38
CA TRP A 203 -20.39 18.22 7.97
C TRP A 203 -20.88 16.89 7.36
N SER A 204 -20.80 16.77 6.05
CA SER A 204 -21.26 15.50 5.43
C SER A 204 -20.60 14.28 6.04
N LEU A 205 -19.29 14.39 6.35
CA LEU A 205 -18.57 13.28 6.95
C LEU A 205 -19.18 12.96 8.33
N GLY A 206 -19.52 14.00 9.10
CA GLY A 206 -20.17 13.80 10.37
C GLY A 206 -21.48 12.99 10.19
N ILE A 207 -22.31 13.38 9.22
CA ILE A 207 -23.57 12.66 8.94
C ILE A 207 -23.22 11.24 8.47
N THR A 208 -22.18 11.08 7.66
CA THR A 208 -21.78 9.69 7.29
C THR A 208 -21.31 8.89 8.51
N ALA A 209 -20.73 9.54 9.55
CA ALA A 209 -20.25 8.80 10.73
C ALA A 209 -21.54 8.28 11.48
N ILE A 210 -22.57 9.12 11.60
CA ILE A 210 -23.83 8.63 12.24
C ILE A 210 -24.37 7.45 11.41
N GLU A 211 -24.28 7.57 10.08
CA GLU A 211 -24.74 6.54 9.12
C GLU A 211 -24.02 5.19 9.24
N LEU A 212 -22.71 5.23 9.50
CA LEU A 212 -21.95 4.00 9.67
C LEU A 212 -22.27 3.34 11.04
N ALA A 213 -22.68 4.15 12.03
CA ALA A 213 -22.96 3.68 13.37
C ALA A 213 -24.40 3.18 13.53
N ARG A 214 -25.33 3.85 12.87
CA ARG A 214 -26.75 3.55 12.95
C ARG A 214 -27.34 3.01 11.69
N GLY A 215 -26.63 3.07 10.55
CA GLY A 215 -27.23 2.57 9.29
C GLY A 215 -28.00 3.53 8.36
N GLU A 216 -28.33 4.74 8.85
CA GLU A 216 -29.09 5.70 8.10
C GLU A 216 -28.72 7.07 8.66
N PRO A 217 -28.87 8.10 7.83
CA PRO A 217 -28.54 9.45 8.37
C PRO A 217 -29.74 9.95 9.19
N PRO A 218 -29.55 11.04 9.93
CA PRO A 218 -30.62 11.64 10.72
C PRO A 218 -31.75 12.02 9.78
N HIS A 219 -32.98 11.97 10.31
CA HIS A 219 -34.21 12.33 9.60
C HIS A 219 -34.54 11.46 8.41
N SER A 220 -33.85 10.34 8.26
CA SER A 220 -34.03 9.52 7.05
C SER A 220 -35.45 9.07 6.74
N GLU A 221 -36.33 9.13 7.73
CA GLU A 221 -37.70 8.68 7.51
C GLU A 221 -38.55 9.85 7.06
N LEU A 222 -38.01 11.07 7.15
CA LEU A 222 -38.84 12.20 6.78
C LEU A 222 -38.82 12.50 5.31
N HIS A 223 -39.83 13.23 4.83
CA HIS A 223 -39.83 13.59 3.43
C HIS A 223 -38.69 14.61 3.27
N PRO A 224 -37.89 14.51 2.18
CA PRO A 224 -36.76 15.42 1.88
C PRO A 224 -37.02 16.92 2.01
N MET A 225 -38.21 17.33 1.61
CA MET A 225 -38.55 18.74 1.63
C MET A 225 -38.62 19.27 3.06
N LYS A 226 -39.11 18.43 3.97
CA LYS A 226 -39.16 18.79 5.39
C LYS A 226 -37.70 18.90 5.85
N VAL A 227 -36.90 17.91 5.44
CA VAL A 227 -35.52 17.92 5.87
C VAL A 227 -34.85 19.21 5.43
N LEU A 228 -35.35 19.81 4.33
CA LEU A 228 -34.79 21.06 3.81
C LEU A 228 -34.90 22.24 4.77
N PHE A 229 -35.95 22.33 5.61
CA PHE A 229 -35.98 23.42 6.60
C PHE A 229 -35.44 22.98 7.95
N LEU A 230 -35.51 21.70 8.24
CA LEU A 230 -34.98 21.23 9.50
C LEU A 230 -33.46 21.42 9.69
N ILE A 231 -32.71 21.06 8.67
CA ILE A 231 -31.27 21.18 8.82
C ILE A 231 -30.82 22.58 9.22
N PRO A 232 -31.23 23.67 8.50
CA PRO A 232 -30.77 25.00 8.95
C PRO A 232 -31.39 25.52 10.25
N LYS A 233 -32.60 25.07 10.52
CA LYS A 233 -33.39 25.49 11.70
C LYS A 233 -32.95 24.81 13.00
N ASN A 234 -32.87 23.47 12.98
CA ASN A 234 -32.53 22.67 14.16
C ASN A 234 -31.11 22.70 14.65
N ASN A 235 -30.95 22.31 15.90
CA ASN A 235 -29.60 22.17 16.43
C ASN A 235 -29.09 20.96 15.64
N PRO A 236 -27.76 20.86 15.54
CA PRO A 236 -27.12 19.77 14.80
C PRO A 236 -27.45 18.42 15.37
N PRO A 237 -27.52 17.39 14.52
CA PRO A 237 -27.81 16.05 14.97
C PRO A 237 -26.65 15.62 15.89
N THR A 238 -26.93 14.70 16.80
CA THR A 238 -25.89 14.12 17.67
C THR A 238 -26.07 12.59 17.48
N LEU A 239 -25.06 11.81 17.84
CA LEU A 239 -25.14 10.35 17.74
C LEU A 239 -25.78 9.84 19.04
N GLU A 240 -26.95 9.22 18.96
CA GLU A 240 -27.57 8.73 20.19
C GLU A 240 -27.44 7.25 20.25
N GLY A 241 -27.27 6.72 21.45
CA GLY A 241 -27.18 5.27 21.57
C GLY A 241 -25.95 4.86 22.36
N ASN A 242 -25.72 3.57 22.43
CA ASN A 242 -24.61 3.11 23.19
C ASN A 242 -23.29 3.11 22.44
N TYR A 243 -22.73 4.27 22.18
CA TYR A 243 -21.42 4.33 21.49
C TYR A 243 -20.45 5.02 22.41
N SER A 244 -19.15 4.83 22.17
CA SER A 244 -18.17 5.45 23.02
C SER A 244 -18.22 6.96 22.99
N LYS A 245 -17.73 7.54 24.07
CA LYS A 245 -17.74 8.99 24.15
C LYS A 245 -16.94 9.62 23.00
N PRO A 246 -15.77 9.07 22.68
CA PRO A 246 -14.95 9.63 21.56
C PRO A 246 -15.74 9.61 20.21
N LEU A 247 -16.48 8.51 19.91
CA LEU A 247 -17.28 8.50 18.67
C LEU A 247 -18.33 9.63 18.67
N LYS A 248 -19.05 9.79 19.79
CA LYS A 248 -20.01 10.86 19.87
C LYS A 248 -19.36 12.24 19.76
N GLU A 249 -18.17 12.39 20.32
CA GLU A 249 -17.48 13.71 20.25
C GLU A 249 -16.96 13.99 18.84
N PHE A 250 -16.57 12.92 18.14
CA PHE A 250 -16.09 13.03 16.75
C PHE A 250 -17.28 13.57 15.88
N VAL A 251 -18.46 12.96 16.04
CA VAL A 251 -19.64 13.45 15.33
C VAL A 251 -19.94 14.90 15.71
N GLU A 252 -19.87 15.26 16.98
CA GLU A 252 -20.13 16.68 17.36
C GLU A 252 -19.13 17.64 16.71
N ALA A 253 -17.89 17.22 16.69
CA ALA A 253 -16.85 18.09 16.11
C ALA A 253 -17.17 18.42 14.64
N CYS A 254 -17.60 17.40 13.87
CA CYS A 254 -17.98 17.62 12.49
C CYS A 254 -19.26 18.36 12.33
N LEU A 255 -20.24 18.07 13.18
CA LEU A 255 -21.55 18.69 13.01
C LEU A 255 -21.79 20.03 13.78
N ASN A 256 -21.01 21.05 13.40
CA ASN A 256 -21.13 22.39 14.00
C ASN A 256 -21.91 23.19 12.98
N LYS A 257 -22.98 23.87 13.41
CA LYS A 257 -23.74 24.68 12.48
C LYS A 257 -22.88 25.77 11.84
N GLU A 258 -21.79 26.17 12.47
CA GLU A 258 -20.95 27.21 11.91
C GLU A 258 -19.82 26.49 11.18
N PRO A 259 -19.77 26.64 9.86
CA PRO A 259 -18.72 25.95 9.09
C PRO A 259 -17.27 26.22 9.48
N SER A 260 -16.92 27.47 9.75
CA SER A 260 -15.54 27.81 10.11
C SER A 260 -15.17 27.19 11.49
N PHE A 261 -16.14 26.65 12.23
CA PHE A 261 -15.76 26.02 13.48
C PHE A 261 -15.50 24.51 13.32
N ARG A 262 -15.76 23.94 12.13
CA ARG A 262 -15.43 22.53 11.90
C ARG A 262 -13.92 22.42 11.58
N PRO A 263 -13.27 21.40 12.13
CA PRO A 263 -11.84 21.08 11.97
C PRO A 263 -11.62 20.59 10.55
N THR A 264 -10.34 20.58 10.13
CA THR A 264 -9.99 20.07 8.85
C THR A 264 -9.95 18.55 8.88
N ALA A 265 -9.88 17.95 7.70
CA ALA A 265 -9.76 16.51 7.66
C ALA A 265 -8.42 16.10 8.32
N LYS A 266 -7.37 16.91 8.14
CA LYS A 266 -6.08 16.55 8.74
C LYS A 266 -6.19 16.49 10.28
N GLU A 267 -6.86 17.43 10.91
CA GLU A 267 -6.99 17.41 12.35
C GLU A 267 -7.88 16.26 12.86
N LEU A 268 -8.97 15.95 12.16
CA LEU A 268 -9.85 14.82 12.57
C LEU A 268 -9.07 13.56 12.52
N LEU A 269 -8.06 13.51 11.64
CA LEU A 269 -7.21 12.35 11.57
C LEU A 269 -6.53 12.09 12.93
N LYS A 270 -6.45 13.09 13.79
CA LYS A 270 -5.81 12.90 15.09
C LYS A 270 -6.85 12.92 16.24
N HIS A 271 -8.12 12.84 15.90
CA HIS A 271 -9.14 12.83 16.94
C HIS A 271 -8.96 11.55 17.79
N LYS A 272 -9.19 11.60 19.11
CA LYS A 272 -9.02 10.34 19.87
C LYS A 272 -9.85 9.16 19.39
N PHE A 273 -11.02 9.38 18.80
CA PHE A 273 -11.83 8.23 18.29
C PHE A 273 -11.03 7.51 17.19
N ILE A 274 -10.41 8.28 16.32
CA ILE A 274 -9.64 7.63 15.28
C ILE A 274 -8.36 6.93 15.86
N LEU A 275 -7.64 7.64 16.71
CA LEU A 275 -6.37 7.10 17.24
C LEU A 275 -6.54 5.83 18.07
N ARG A 276 -7.57 5.81 18.91
CA ARG A 276 -7.80 4.65 19.75
C ARG A 276 -8.44 3.49 19.04
N ASN A 277 -9.18 3.74 17.94
CA ASN A 277 -9.88 2.62 17.30
C ASN A 277 -9.51 2.14 15.90
N ALA A 278 -9.02 3.03 15.06
CA ALA A 278 -8.70 2.63 13.69
C ALA A 278 -7.59 1.57 13.65
N LYS A 279 -7.72 0.64 12.73
CA LYS A 279 -6.76 -0.44 12.54
C LYS A 279 -6.37 -0.57 11.08
N LYS A 280 -5.67 -1.63 10.72
CA LYS A 280 -5.24 -1.74 9.33
C LYS A 280 -6.43 -2.05 8.44
N THR A 281 -6.37 -1.56 7.20
CA THR A 281 -7.49 -1.76 6.30
C THR A 281 -7.78 -3.21 5.98
N SER A 282 -6.75 -4.06 5.98
CA SER A 282 -6.94 -5.47 5.64
C SER A 282 -7.93 -6.13 6.56
N TYR A 283 -8.11 -5.52 7.72
CA TYR A 283 -9.06 -6.01 8.70
C TYR A 283 -10.45 -5.89 8.14
N LEU A 284 -10.67 -5.00 7.18
CA LEU A 284 -11.98 -4.85 6.60
C LEU A 284 -12.40 -6.00 5.67
N THR A 285 -11.50 -6.95 5.35
CA THR A 285 -11.88 -8.07 4.47
C THR A 285 -13.00 -8.93 5.08
N GLU A 286 -13.01 -9.02 6.40
CA GLU A 286 -14.07 -9.78 7.10
C GLU A 286 -15.40 -9.20 6.77
N LEU A 287 -15.50 -7.89 6.98
CA LEU A 287 -16.71 -7.14 6.70
C LEU A 287 -17.09 -7.34 5.25
N ILE A 288 -16.09 -7.38 4.38
CA ILE A 288 -16.33 -7.59 2.95
C ILE A 288 -16.86 -9.03 2.70
N ASP A 289 -16.28 -10.02 3.37
CA ASP A 289 -16.76 -11.40 3.19
C ASP A 289 -18.15 -11.60 3.77
N ARG A 290 -18.49 -10.86 4.81
CA ARG A 290 -19.79 -11.03 5.41
C ARG A 290 -20.85 -10.60 4.40
N TYR A 291 -20.52 -9.55 3.65
CA TYR A 291 -21.45 -9.03 2.67
C TYR A 291 -21.65 -9.97 1.48
N LYS A 292 -20.63 -10.70 1.08
CA LYS A 292 -20.80 -11.60 -0.04
C LYS A 292 -21.67 -12.81 0.32
N ARG A 293 -21.49 -13.28 1.54
CA ARG A 293 -22.24 -14.42 2.01
C ARG A 293 -23.69 -14.01 2.13
N TRP A 294 -23.91 -12.80 2.62
CA TRP A 294 -25.24 -12.28 2.81
C TRP A 294 -25.91 -12.15 1.44
N LYS A 295 -25.14 -11.61 0.49
CA LYS A 295 -25.66 -11.37 -0.84
C LYS A 295 -26.00 -12.71 -1.51
N ALA A 296 -25.22 -13.74 -1.24
CA ALA A 296 -25.52 -15.05 -1.81
C ALA A 296 -26.94 -15.51 -1.37
N GLU A 297 -27.39 -15.11 -0.18
CA GLU A 297 -28.70 -15.57 0.32
C GLU A 297 -29.86 -14.65 0.02
N GLN A 298 -29.61 -13.61 -0.76
CA GLN A 298 -30.68 -12.69 -1.09
C GLN A 298 -31.34 -13.10 -2.41
N SER B 8 41.79 -17.63 9.86
CA SER B 8 42.86 -16.69 9.36
C SER B 8 42.57 -15.22 9.69
N GLY B 9 41.47 -14.97 10.42
CA GLY B 9 41.10 -13.62 10.81
C GLY B 9 39.83 -12.99 10.20
N LEU B 10 39.40 -11.88 10.76
CA LEU B 10 38.21 -11.16 10.29
C LEU B 10 38.54 -10.28 9.08
N PRO B 11 38.00 -10.60 7.89
CA PRO B 11 38.31 -9.76 6.72
C PRO B 11 37.94 -8.29 6.97
N GLY B 12 38.83 -7.38 6.57
CA GLY B 12 38.56 -5.99 6.78
C GLY B 12 38.87 -5.48 8.16
N MET B 13 39.32 -6.36 9.06
CA MET B 13 39.70 -5.97 10.41
C MET B 13 40.82 -4.94 10.20
N GLN B 14 40.73 -3.81 10.90
CA GLN B 14 41.73 -2.75 10.74
C GLN B 14 42.72 -2.78 11.87
N ASN B 15 43.84 -2.09 11.64
CA ASN B 15 44.94 -1.96 12.61
C ASN B 15 44.45 -1.58 13.99
N LEU B 16 44.74 -2.40 15.01
CA LEU B 16 44.29 -2.14 16.39
C LEU B 16 44.74 -0.84 16.97
N LYS B 17 45.68 -0.20 16.29
CA LYS B 17 46.19 1.08 16.74
C LYS B 17 45.14 2.11 16.45
N ALA B 18 44.32 1.82 15.42
CA ALA B 18 43.25 2.73 15.00
C ALA B 18 42.14 2.69 16.01
N ASP B 19 41.78 3.88 16.48
CA ASP B 19 40.72 3.99 17.46
C ASP B 19 39.44 4.48 16.79
N PRO B 20 38.47 3.58 16.61
CA PRO B 20 37.18 3.94 15.98
C PRO B 20 36.45 5.12 16.61
N GLU B 21 36.68 5.36 17.89
CA GLU B 21 36.06 6.48 18.61
C GLU B 21 36.63 7.80 18.18
N GLU B 22 37.84 7.76 17.62
CA GLU B 22 38.49 8.96 17.07
C GLU B 22 38.17 9.03 15.56
N LEU B 23 38.13 7.89 14.87
CA LEU B 23 37.83 7.95 13.45
C LEU B 23 36.41 8.26 13.08
N PHE B 24 35.46 7.92 13.95
CA PHE B 24 34.07 8.11 13.61
C PHE B 24 33.35 8.81 14.73
N THR B 25 32.38 9.63 14.35
CA THR B 25 31.53 10.33 15.30
C THR B 25 30.27 9.50 15.31
N LYS B 26 29.93 9.02 16.47
CA LYS B 26 28.76 8.18 16.59
C LYS B 26 27.59 9.11 16.89
N LEU B 27 26.51 9.01 16.12
CA LEU B 27 25.38 9.86 16.35
C LEU B 27 24.31 8.95 16.95
N GLU B 28 23.06 9.09 16.57
CA GLU B 28 22.00 8.25 17.18
C GLU B 28 21.87 6.76 16.90
N LYS B 29 21.33 6.06 17.90
CA LYS B 29 21.06 4.64 17.81
C LYS B 29 19.95 4.47 16.80
N ILE B 30 20.18 3.61 15.80
CA ILE B 30 19.15 3.41 14.81
C ILE B 30 18.60 2.01 14.81
N GLY B 31 19.12 1.17 15.72
CA GLY B 31 18.66 -0.20 15.81
C GLY B 31 19.39 -1.00 16.88
N LYS B 32 18.81 -2.14 17.20
CA LYS B 32 19.38 -3.03 18.17
C LYS B 32 18.99 -4.36 17.62
N GLY B 33 19.92 -4.97 16.89
CA GLY B 33 19.65 -6.27 16.31
C GLY B 33 19.74 -7.38 17.32
N SER B 34 20.23 -8.53 16.90
CA SER B 34 20.34 -9.69 17.79
C SER B 34 21.62 -9.71 18.64
N PHE B 35 22.67 -9.06 18.15
CA PHE B 35 23.94 -9.12 18.86
C PHE B 35 24.45 -7.83 19.47
N GLY B 36 24.43 -6.76 18.69
CA GLY B 36 24.90 -5.50 19.24
C GLY B 36 23.87 -4.45 18.91
N GLU B 37 24.35 -3.20 18.87
CA GLU B 37 23.55 -2.04 18.57
C GLU B 37 24.05 -1.36 17.31
N VAL B 38 23.12 -0.71 16.59
CA VAL B 38 23.45 -0.03 15.34
C VAL B 38 23.22 1.46 15.44
N PHE B 39 24.23 2.22 15.02
CA PHE B 39 24.18 3.68 15.09
C PHE B 39 24.45 4.33 13.77
N LYS B 40 23.87 5.53 13.63
CA LYS B 40 24.19 6.38 12.49
C LYS B 40 25.55 7.03 12.91
N GLY B 41 26.48 7.13 11.98
CA GLY B 41 27.73 7.75 12.31
C GLY B 41 28.29 8.46 11.11
N ILE B 42 29.35 9.22 11.34
CA ILE B 42 30.03 10.04 10.35
C ILE B 42 31.49 9.58 10.36
N ASP B 43 32.06 9.41 9.18
CA ASP B 43 33.47 9.09 9.04
C ASP B 43 34.09 10.49 9.17
N ASN B 44 34.86 10.73 10.21
CA ASN B 44 35.40 12.07 10.41
C ASN B 44 36.36 12.50 9.29
N ARG B 45 36.96 11.56 8.62
CA ARG B 45 37.87 11.96 7.57
C ARG B 45 37.12 12.49 6.35
N THR B 46 36.14 11.73 5.88
CA THR B 46 35.42 12.15 4.70
C THR B 46 34.11 12.92 4.93
N GLN B 47 33.57 12.86 6.14
CA GLN B 47 32.25 13.44 6.49
C GLN B 47 31.13 12.62 5.88
N LYS B 48 31.41 11.43 5.41
CA LYS B 48 30.28 10.67 4.87
C LYS B 48 29.57 9.96 6.04
N VAL B 49 28.26 9.75 5.92
CA VAL B 49 27.49 9.01 6.96
C VAL B 49 27.69 7.52 6.77
N VAL B 50 27.81 6.77 7.87
CA VAL B 50 27.94 5.34 7.75
C VAL B 50 27.02 4.74 8.84
N ALA B 51 26.78 3.44 8.75
CA ALA B 51 26.02 2.76 9.80
C ALA B 51 27.11 2.03 10.60
N ILE B 52 27.09 2.13 11.93
CA ILE B 52 28.12 1.50 12.77
C ILE B 52 27.46 0.52 13.70
N LYS B 53 27.82 -0.77 13.55
CA LYS B 53 27.25 -1.82 14.43
C LYS B 53 28.32 -2.11 15.47
N ILE B 54 27.98 -1.96 16.76
CA ILE B 54 28.94 -2.21 17.82
C ILE B 54 28.51 -3.44 18.61
N ILE B 55 29.41 -4.41 18.68
CA ILE B 55 29.17 -5.68 19.37
C ILE B 55 30.19 -5.94 20.49
N ASP B 56 29.70 -6.33 21.67
CA ASP B 56 30.62 -6.63 22.78
C ASP B 56 31.06 -8.08 22.69
N LEU B 57 32.26 -8.33 22.17
CA LEU B 57 32.77 -9.71 22.01
C LEU B 57 32.89 -10.49 23.32
N GLU B 58 32.91 -9.77 24.43
CA GLU B 58 33.02 -10.42 25.73
C GLU B 58 31.66 -10.98 26.02
N GLU B 59 30.65 -10.15 25.82
CA GLU B 59 29.28 -10.53 26.08
C GLU B 59 28.68 -11.35 24.96
N ALA B 60 29.50 -12.22 24.39
CA ALA B 60 29.05 -13.09 23.29
C ALA B 60 30.04 -14.20 23.01
N GLU B 61 29.67 -15.15 22.16
CA GLU B 61 30.57 -16.22 21.83
C GLU B 61 30.20 -17.10 20.63
N ASP B 62 28.97 -17.64 20.58
CA ASP B 62 28.59 -18.47 19.43
C ASP B 62 28.25 -17.54 18.28
N GLU B 63 28.03 -16.29 18.63
CA GLU B 63 27.73 -15.29 17.64
C GLU B 63 29.05 -14.98 16.89
N ILE B 64 30.19 -14.93 17.60
CA ILE B 64 31.46 -14.59 16.93
C ILE B 64 31.62 -15.36 15.64
N GLU B 65 31.50 -16.68 15.67
CA GLU B 65 31.57 -17.44 14.42
C GLU B 65 30.63 -16.90 13.32
N ASP B 66 29.34 -16.72 13.64
CA ASP B 66 28.35 -16.23 12.64
C ASP B 66 28.71 -14.82 12.17
N ILE B 67 29.07 -13.98 13.12
CA ILE B 67 29.47 -12.63 12.81
C ILE B 67 30.63 -12.66 11.81
N GLN B 68 31.69 -13.38 12.16
CA GLN B 68 32.83 -13.47 11.26
C GLN B 68 32.42 -14.02 9.90
N GLN B 69 31.45 -14.95 9.88
CA GLN B 69 31.07 -15.51 8.59
C GLN B 69 30.24 -14.52 7.78
N GLU B 70 29.43 -13.72 8.46
CA GLU B 70 28.60 -12.76 7.75
C GLU B 70 29.48 -11.67 7.17
N ILE B 71 30.41 -11.18 7.99
CA ILE B 71 31.35 -10.20 7.52
C ILE B 71 32.19 -10.76 6.37
N THR B 72 32.56 -12.04 6.47
CA THR B 72 33.33 -12.62 5.38
C THR B 72 32.53 -12.53 4.08
N VAL B 73 31.31 -13.09 4.06
CA VAL B 73 30.48 -13.02 2.84
C VAL B 73 30.30 -11.57 2.34
N LEU B 74 30.07 -10.60 3.25
CA LEU B 74 29.93 -9.20 2.81
C LEU B 74 31.20 -8.66 2.14
N SER B 75 32.35 -8.91 2.75
CA SER B 75 33.62 -8.42 2.19
C SER B 75 33.90 -8.93 0.80
N GLN B 76 33.37 -10.09 0.45
CA GLN B 76 33.58 -10.64 -0.89
C GLN B 76 32.65 -10.04 -1.93
N CYS B 77 31.62 -9.31 -1.48
CA CYS B 77 30.72 -8.71 -2.43
C CYS B 77 31.13 -7.27 -2.76
N ASP B 78 30.99 -6.91 -4.03
CA ASP B 78 31.24 -5.56 -4.48
C ASP B 78 30.23 -5.22 -5.56
N SER B 79 29.06 -4.76 -5.13
CA SER B 79 27.98 -4.43 -6.05
C SER B 79 27.18 -3.26 -5.51
N PRO B 80 26.58 -2.46 -6.38
CA PRO B 80 25.79 -1.34 -5.86
C PRO B 80 24.43 -1.84 -5.33
N TYR B 81 24.18 -3.13 -5.48
CA TYR B 81 22.90 -3.76 -5.02
C TYR B 81 23.09 -4.56 -3.73
N VAL B 82 24.30 -4.61 -3.20
CA VAL B 82 24.55 -5.31 -1.96
C VAL B 82 25.15 -4.32 -0.95
N THR B 83 24.61 -4.26 0.25
CA THR B 83 25.18 -3.33 1.24
C THR B 83 26.73 -3.47 1.42
N LYS B 84 27.43 -2.37 1.26
CA LYS B 84 28.89 -2.32 1.45
C LYS B 84 29.37 -2.45 2.90
N TYR B 85 30.52 -3.11 3.05
CA TYR B 85 31.18 -3.28 4.33
C TYR B 85 32.47 -2.47 4.20
N TYR B 86 32.75 -1.61 5.17
CA TYR B 86 33.95 -0.80 5.05
C TYR B 86 35.02 -1.14 6.06
N GLY B 87 34.96 -2.31 6.68
CA GLY B 87 35.97 -2.65 7.65
C GLY B 87 35.47 -2.67 9.10
N SER B 88 36.30 -3.29 9.96
CA SER B 88 35.99 -3.44 11.39
C SER B 88 37.16 -2.99 12.24
N TYR B 89 36.81 -2.59 13.46
CA TYR B 89 37.74 -2.06 14.41
C TYR B 89 37.44 -2.69 15.76
N LEU B 90 38.50 -2.90 16.53
CA LEU B 90 38.32 -3.49 17.83
C LEU B 90 38.83 -2.47 18.84
N LYS B 91 37.95 -2.00 19.72
CA LYS B 91 38.31 -1.06 20.77
C LYS B 91 37.99 -1.80 22.09
N ASP B 92 39.02 -2.14 22.85
CA ASP B 92 38.77 -2.88 24.09
C ASP B 92 38.02 -4.17 23.70
N THR B 93 36.89 -4.44 24.35
CA THR B 93 36.18 -5.67 24.04
C THR B 93 35.08 -5.51 22.99
N LYS B 94 34.95 -4.30 22.48
CA LYS B 94 33.90 -4.03 21.50
C LYS B 94 34.37 -3.93 20.05
N LEU B 95 33.67 -4.66 19.21
CA LEU B 95 33.91 -4.67 17.77
C LEU B 95 32.99 -3.63 17.07
N TRP B 96 33.59 -2.68 16.31
CA TRP B 96 32.85 -1.64 15.54
C TRP B 96 32.80 -2.05 14.07
N ILE B 97 31.63 -2.41 13.56
CA ILE B 97 31.54 -2.82 12.17
C ILE B 97 30.98 -1.63 11.39
N ILE B 98 31.73 -1.21 10.37
CA ILE B 98 31.38 -0.06 9.56
C ILE B 98 30.73 -0.48 8.28
N MET B 99 29.50 -0.03 8.05
CA MET B 99 28.78 -0.44 6.85
C MET B 99 28.09 0.77 6.19
N GLU B 100 27.70 0.59 4.93
CA GLU B 100 27.00 1.59 4.14
C GLU B 100 25.67 1.97 4.88
N TYR B 101 25.41 3.24 5.01
CA TYR B 101 24.20 3.71 5.65
C TYR B 101 23.08 3.82 4.62
N LEU B 102 21.89 3.36 4.97
CA LEU B 102 20.76 3.41 4.05
C LEU B 102 19.61 3.75 4.95
N GLY B 103 19.25 5.01 4.97
CA GLY B 103 18.21 5.44 5.90
C GLY B 103 16.82 5.53 5.31
N GLY B 104 16.62 4.96 4.11
CA GLY B 104 15.29 4.99 3.51
C GLY B 104 14.28 4.04 4.14
N GLY B 105 14.78 3.06 4.88
CA GLY B 105 13.98 2.02 5.52
C GLY B 105 14.02 0.73 4.67
N SER B 106 13.52 -0.37 5.18
CA SER B 106 13.46 -1.63 4.44
C SER B 106 12.19 -1.69 3.56
N ALA B 107 12.17 -2.61 2.59
CA ALA B 107 10.96 -2.69 1.82
C ALA B 107 9.74 -2.96 2.73
N LEU B 108 9.94 -3.78 3.78
CA LEU B 108 8.86 -4.11 4.74
C LEU B 108 8.36 -2.82 5.44
N ASP B 109 9.30 -1.96 5.87
CA ASP B 109 8.90 -0.71 6.52
C ASP B 109 8.00 0.07 5.59
N LEU B 110 8.35 0.11 4.31
CA LEU B 110 7.58 0.90 3.38
C LEU B 110 6.18 0.38 3.03
N LEU B 111 5.85 -0.83 3.42
CA LEU B 111 4.52 -1.34 3.18
C LEU B 111 3.64 -0.86 4.33
N GLU B 112 4.28 -0.48 5.45
CA GLU B 112 3.53 -0.05 6.65
C GLU B 112 2.39 0.96 6.46
N PRO B 113 2.63 2.08 5.76
CA PRO B 113 1.57 3.08 5.55
C PRO B 113 0.43 2.70 4.58
N GLY B 114 0.62 1.64 3.80
CA GLY B 114 -0.39 1.22 2.86
C GLY B 114 0.18 0.33 1.80
N PRO B 115 -0.62 -0.11 0.81
CA PRO B 115 -0.13 -0.98 -0.25
C PRO B 115 0.73 -0.25 -1.28
N LEU B 116 1.50 -1.02 -2.02
CA LEU B 116 2.35 -0.51 -3.08
C LEU B 116 1.59 -0.60 -4.39
N ASP B 117 1.89 0.25 -5.37
CA ASP B 117 1.23 0.03 -6.66
C ASP B 117 2.17 -0.88 -7.51
N GLU B 118 1.69 -1.39 -8.67
CA GLU B 118 2.54 -2.32 -9.44
C GLU B 118 3.81 -1.72 -9.95
N THR B 119 3.83 -0.40 -10.18
CA THR B 119 5.07 0.26 -10.63
C THR B 119 6.11 0.22 -9.50
N GLN B 120 5.66 0.47 -8.26
CA GLN B 120 6.59 0.42 -7.11
C GLN B 120 7.11 -1.01 -6.88
N ILE B 121 6.20 -1.96 -6.92
CA ILE B 121 6.52 -3.37 -6.75
C ILE B 121 7.56 -3.79 -7.84
N ALA B 122 7.30 -3.42 -9.08
CA ALA B 122 8.18 -3.79 -10.20
C ALA B 122 9.53 -3.17 -10.08
N THR B 123 9.55 -1.90 -9.61
CA THR B 123 10.81 -1.22 -9.46
C THR B 123 11.66 -1.87 -8.38
N ILE B 124 11.03 -2.24 -7.25
CA ILE B 124 11.77 -2.84 -6.17
C ILE B 124 12.24 -4.22 -6.57
N LEU B 125 11.35 -4.99 -7.16
CA LEU B 125 11.73 -6.34 -7.57
C LEU B 125 12.87 -6.28 -8.60
N ARG B 126 12.80 -5.34 -9.52
CA ARG B 126 13.87 -5.25 -10.54
C ARG B 126 15.22 -5.08 -9.87
N GLU B 127 15.28 -4.17 -8.88
CA GLU B 127 16.54 -3.97 -8.17
C GLU B 127 17.02 -5.18 -7.34
N ILE B 128 16.09 -5.89 -6.71
CA ILE B 128 16.47 -7.06 -5.95
C ILE B 128 17.04 -8.06 -6.95
N LEU B 129 16.37 -8.18 -8.11
CA LEU B 129 16.82 -9.11 -9.19
C LEU B 129 18.26 -8.78 -9.64
N LYS B 130 18.62 -7.49 -9.69
CA LYS B 130 19.99 -7.14 -10.07
C LYS B 130 20.95 -7.64 -9.01
N GLY B 131 20.57 -7.56 -7.74
CA GLY B 131 21.43 -8.05 -6.69
C GLY B 131 21.49 -9.59 -6.71
N LEU B 132 20.40 -10.27 -7.01
CA LEU B 132 20.42 -11.74 -7.04
C LEU B 132 21.28 -12.16 -8.21
N ASP B 133 21.13 -11.46 -9.34
CA ASP B 133 21.93 -11.77 -10.52
C ASP B 133 23.41 -11.61 -10.15
N TYR B 134 23.78 -10.51 -9.50
CA TYR B 134 25.15 -10.35 -9.06
C TYR B 134 25.62 -11.52 -8.16
N LEU B 135 24.83 -11.85 -7.12
CA LEU B 135 25.22 -12.92 -6.22
C LEU B 135 25.35 -14.29 -6.87
N HIS B 136 24.38 -14.62 -7.70
CA HIS B 136 24.34 -15.92 -8.35
C HIS B 136 25.48 -16.06 -9.36
N SER B 137 25.91 -14.94 -9.95
CA SER B 137 27.01 -14.90 -10.93
C SER B 137 28.32 -15.12 -10.22
N GLU B 138 28.32 -14.92 -8.89
CA GLU B 138 29.48 -15.07 -8.02
C GLU B 138 29.37 -16.34 -7.20
N LYS B 139 28.46 -17.21 -7.59
CA LYS B 139 28.20 -18.48 -6.91
C LYS B 139 27.80 -18.33 -5.41
N LYS B 140 27.06 -17.26 -5.07
CA LYS B 140 26.60 -17.11 -3.70
C LYS B 140 25.07 -17.25 -3.65
N ILE B 141 24.52 -17.69 -2.51
CA ILE B 141 23.07 -17.83 -2.38
C ILE B 141 22.73 -16.95 -1.16
N HIS B 142 21.75 -16.08 -1.25
CA HIS B 142 21.47 -15.24 -0.09
C HIS B 142 20.76 -16.11 0.99
N ARG B 143 19.74 -16.84 0.59
CA ARG B 143 19.05 -17.70 1.56
C ARG B 143 18.12 -17.01 2.54
N ASP B 144 18.08 -15.68 2.59
CA ASP B 144 17.10 -15.03 3.47
C ASP B 144 16.49 -13.81 2.76
N ILE B 145 16.01 -14.03 1.53
CA ILE B 145 15.44 -12.93 0.75
C ILE B 145 13.97 -12.72 1.25
N LYS B 146 13.66 -11.49 1.62
CA LYS B 146 12.33 -11.09 2.10
C LYS B 146 12.41 -9.58 2.21
N ALA B 147 11.25 -8.94 2.19
CA ALA B 147 11.17 -7.50 2.20
C ALA B 147 11.87 -6.92 3.38
N ALA B 148 11.91 -7.60 4.52
CA ALA B 148 12.60 -6.98 5.72
C ALA B 148 14.11 -6.85 5.40
N ASN B 149 14.60 -7.66 4.46
CA ASN B 149 16.06 -7.63 4.12
C ASN B 149 16.44 -6.86 2.85
N VAL B 150 15.51 -6.06 2.39
CA VAL B 150 15.79 -5.24 1.23
C VAL B 150 15.76 -3.82 1.76
N LEU B 151 16.90 -3.17 1.82
CA LEU B 151 16.99 -1.78 2.33
C LEU B 151 17.15 -0.74 1.24
N LEU B 152 16.71 0.47 1.55
CA LEU B 152 16.76 1.54 0.59
C LEU B 152 17.48 2.76 1.13
N SER B 153 18.10 3.49 0.22
CA SER B 153 18.80 4.72 0.60
C SER B 153 17.70 5.82 0.58
N GLU B 154 17.98 6.99 1.15
CA GLU B 154 16.95 8.04 1.09
C GLU B 154 16.69 8.51 -0.33
N HIS B 155 17.58 8.21 -1.27
CA HIS B 155 17.31 8.61 -2.63
C HIS B 155 16.67 7.48 -3.46
N GLY B 156 16.20 6.42 -2.78
CA GLY B 156 15.56 5.34 -3.50
C GLY B 156 16.38 4.15 -4.02
N GLU B 157 17.70 4.14 -3.84
CA GLU B 157 18.43 2.94 -4.29
C GLU B 157 18.05 1.75 -3.39
N VAL B 158 18.02 0.57 -3.98
CA VAL B 158 17.64 -0.67 -3.33
C VAL B 158 18.76 -1.69 -3.22
N LYS B 159 19.07 -2.12 -2.02
CA LYS B 159 20.14 -3.10 -1.84
C LYS B 159 19.77 -4.23 -0.95
N LEU B 160 20.44 -5.37 -1.19
CA LEU B 160 20.26 -6.56 -0.37
C LEU B 160 21.07 -6.39 0.92
N ALA B 161 20.52 -6.85 2.03
CA ALA B 161 21.18 -6.81 3.33
C ALA B 161 20.93 -8.14 4.05
N ASP B 162 21.52 -8.28 5.24
CA ASP B 162 21.38 -9.44 6.10
C ASP B 162 21.77 -10.81 5.50
N PHE B 163 23.08 -10.98 5.32
CA PHE B 163 23.73 -12.19 4.78
C PHE B 163 24.06 -13.26 5.84
N GLY B 164 23.36 -13.19 6.96
CA GLY B 164 23.59 -14.10 8.07
C GLY B 164 23.51 -15.58 7.75
N VAL B 165 22.72 -15.97 6.75
CA VAL B 165 22.70 -17.36 6.47
C VAL B 165 23.11 -17.62 5.05
N ALA B 166 23.74 -16.63 4.42
CA ALA B 166 24.15 -16.79 3.01
C ALA B 166 25.05 -18.02 2.81
N GLY B 167 24.92 -18.68 1.65
CA GLY B 167 25.74 -19.85 1.34
C GLY B 167 26.69 -19.66 0.16
N GLN B 168 27.73 -20.50 0.08
CA GLN B 168 28.67 -20.42 -1.04
C GLN B 168 28.66 -21.73 -1.80
N LEU B 169 28.33 -21.66 -3.09
CA LEU B 169 28.32 -22.81 -3.97
C LEU B 169 29.68 -22.88 -4.66
N THR B 170 30.74 -23.07 -3.88
CA THR B 170 32.08 -23.12 -4.42
C THR B 170 32.43 -24.39 -5.22
N ASP B 171 33.71 -24.52 -5.53
CA ASP B 171 34.30 -25.61 -6.31
C ASP B 171 33.98 -27.07 -5.91
N THR B 172 34.24 -27.40 -4.64
CA THR B 172 34.02 -28.75 -4.12
C THR B 172 32.65 -28.94 -3.46
N GLN B 173 31.73 -27.99 -3.67
CA GLN B 173 30.38 -28.04 -3.11
C GLN B 173 29.40 -27.26 -4.01
N ILE B 174 28.96 -27.94 -5.07
CA ILE B 174 28.05 -27.36 -6.07
C ILE B 174 26.58 -27.21 -5.65
N LYS B 175 26.25 -27.67 -4.44
CA LYS B 175 24.87 -27.54 -3.93
C LYS B 175 24.97 -27.46 -2.41
N ARG B 176 24.01 -26.80 -1.78
CA ARG B 176 23.99 -26.68 -0.34
C ARG B 176 22.89 -27.60 0.20
N ASN B 177 22.84 -27.78 1.51
CA ASN B 177 21.84 -28.66 2.10
C ASN B 177 21.31 -28.14 3.43
N TPO B 178 21.98 -27.13 3.97
CA TPO B 178 21.56 -26.60 5.27
CB TPO B 178 22.59 -25.55 5.76
CG2 TPO B 178 22.36 -25.15 7.21
OG1 TPO B 178 23.89 -26.13 5.70
P TPO B 178 25.08 -25.38 4.93
O1P TPO B 178 24.74 -25.28 3.47
O2P TPO B 178 26.38 -26.13 5.12
O3P TPO B 178 25.17 -24.02 5.55
C TPO B 178 20.13 -26.03 5.29
O TPO B 178 19.68 -25.33 4.40
N PHE B 179 19.42 -26.42 6.34
CA PHE B 179 18.05 -26.00 6.62
C PHE B 179 18.21 -24.60 7.24
N VAL B 180 18.11 -23.58 6.40
CA VAL B 180 18.25 -22.16 6.81
C VAL B 180 17.30 -21.15 6.09
N GLY B 181 17.05 -19.99 6.70
CA GLY B 181 16.16 -18.96 6.16
C GLY B 181 14.95 -18.74 7.11
N THR B 182 13.91 -18.07 6.61
CA THR B 182 12.68 -17.80 7.39
C THR B 182 11.62 -18.65 6.70
N PRO B 183 11.03 -19.60 7.45
CA PRO B 183 10.01 -20.56 6.99
C PRO B 183 9.04 -20.05 5.96
N PHE B 184 8.34 -18.93 6.22
CA PHE B 184 7.40 -18.50 5.21
C PHE B 184 8.07 -18.25 3.79
N TRP B 185 9.33 -17.87 3.78
CA TRP B 185 10.01 -17.58 2.48
C TRP B 185 10.89 -18.69 1.97
N MET B 186 10.95 -19.81 2.69
CA MET B 186 11.85 -20.85 2.28
C MET B 186 11.39 -21.75 1.14
N ALA B 187 12.32 -22.08 0.24
CA ALA B 187 11.98 -22.94 -0.87
C ALA B 187 11.71 -24.35 -0.40
N PRO B 188 10.86 -25.09 -1.12
CA PRO B 188 10.57 -26.49 -0.70
C PRO B 188 11.86 -27.33 -0.59
N GLU B 189 12.73 -27.28 -1.62
CA GLU B 189 13.93 -28.11 -1.53
C GLU B 189 14.82 -27.76 -0.35
N VAL B 190 14.74 -26.52 0.16
CA VAL B 190 15.59 -26.16 1.32
C VAL B 190 15.08 -26.84 2.62
N ILE B 191 13.77 -26.77 2.80
CA ILE B 191 13.10 -27.36 3.94
C ILE B 191 13.47 -28.84 4.03
N LYS B 192 13.27 -29.57 2.93
CA LYS B 192 13.54 -31.00 2.92
C LYS B 192 14.98 -31.35 2.57
N GLN B 193 15.89 -30.44 2.87
CA GLN B 193 17.32 -30.54 2.56
C GLN B 193 17.73 -31.33 1.35
N SER B 194 17.07 -31.12 0.24
CA SER B 194 17.54 -31.75 -0.98
C SER B 194 18.76 -30.85 -1.29
N ALA B 195 19.65 -31.28 -2.17
CA ALA B 195 20.78 -30.41 -2.49
C ALA B 195 20.09 -29.28 -3.25
N TYR B 196 20.44 -28.04 -2.96
CA TYR B 196 19.80 -26.94 -3.65
C TYR B 196 20.83 -25.88 -4.02
N ASP B 197 20.41 -24.89 -4.80
CA ASP B 197 21.33 -23.83 -5.27
C ASP B 197 20.69 -22.43 -5.32
N SER B 198 21.19 -21.57 -6.22
CA SER B 198 20.67 -20.21 -6.37
C SER B 198 19.16 -20.24 -6.57
N LYS B 199 18.63 -21.33 -7.09
CA LYS B 199 17.20 -21.39 -7.34
C LYS B 199 16.34 -21.20 -6.07
N ALA B 200 16.91 -21.50 -4.92
CA ALA B 200 16.22 -21.32 -3.62
C ALA B 200 15.92 -19.83 -3.44
N ASP B 201 16.84 -18.96 -3.84
CA ASP B 201 16.61 -17.53 -3.78
C ASP B 201 15.55 -17.10 -4.74
N ILE B 202 15.38 -17.82 -5.87
CA ILE B 202 14.37 -17.44 -6.82
C ILE B 202 12.98 -17.68 -6.22
N TRP B 203 12.84 -18.81 -5.56
CA TRP B 203 11.58 -19.10 -4.88
C TRP B 203 11.34 -18.01 -3.79
N SER B 204 12.35 -17.68 -3.01
CA SER B 204 12.17 -16.67 -1.94
C SER B 204 11.77 -15.35 -2.56
N LEU B 205 12.30 -15.05 -3.77
CA LEU B 205 11.93 -13.84 -4.47
C LEU B 205 10.46 -13.89 -4.85
N GLY B 206 9.94 -15.03 -5.26
CA GLY B 206 8.52 -15.04 -5.60
C GLY B 206 7.62 -14.82 -4.35
N ILE B 207 8.07 -15.34 -3.22
CA ILE B 207 7.31 -15.20 -1.95
C ILE B 207 7.39 -13.71 -1.61
N THR B 208 8.54 -13.09 -1.87
CA THR B 208 8.71 -11.64 -1.62
C THR B 208 7.84 -10.76 -2.55
N ALA B 209 7.62 -11.23 -3.77
CA ALA B 209 6.77 -10.51 -4.71
C ALA B 209 5.35 -10.57 -4.12
N ILE B 210 4.91 -11.74 -3.65
CA ILE B 210 3.55 -11.79 -3.03
C ILE B 210 3.49 -10.79 -1.84
N GLU B 211 4.55 -10.80 -1.03
CA GLU B 211 4.66 -9.95 0.15
C GLU B 211 4.57 -8.48 -0.24
N LEU B 212 5.26 -8.05 -1.30
CA LEU B 212 5.15 -6.65 -1.70
C LEU B 212 3.73 -6.29 -2.25
N ALA B 213 3.00 -7.26 -2.79
CA ALA B 213 1.70 -6.98 -3.37
C ALA B 213 0.58 -7.08 -2.34
N ARG B 214 0.77 -7.93 -1.34
CA ARG B 214 -0.30 -8.13 -0.35
C ARG B 214 0.07 -7.72 1.01
N GLY B 215 1.36 -7.48 1.21
CA GLY B 215 1.81 -7.04 2.52
C GLY B 215 2.41 -8.10 3.41
N GLU B 216 2.01 -9.33 3.17
CA GLU B 216 2.47 -10.48 3.95
C GLU B 216 2.69 -11.66 3.00
N PRO B 217 3.53 -12.61 3.41
CA PRO B 217 3.78 -13.80 2.57
C PRO B 217 2.64 -14.76 2.77
N PRO B 218 2.56 -15.77 1.92
CA PRO B 218 1.48 -16.77 2.11
C PRO B 218 1.64 -17.50 3.47
N HIS B 219 0.53 -17.94 4.06
CA HIS B 219 0.55 -18.69 5.33
C HIS B 219 0.94 -17.85 6.54
N SER B 220 0.95 -16.53 6.40
CA SER B 220 1.45 -15.69 7.47
C SER B 220 0.73 -15.76 8.82
N GLU B 221 -0.49 -16.26 8.81
CA GLU B 221 -1.23 -16.35 10.06
C GLU B 221 -1.08 -17.73 10.73
N LEU B 222 -0.36 -18.62 10.06
CA LEU B 222 -0.11 -19.95 10.59
C LEU B 222 1.20 -19.97 11.36
N HIS B 223 1.31 -20.92 12.27
CA HIS B 223 2.51 -21.03 13.08
C HIS B 223 3.63 -21.49 12.13
N PRO B 224 4.81 -20.90 12.25
CA PRO B 224 5.95 -21.28 11.39
C PRO B 224 6.18 -22.79 11.26
N MET B 225 6.12 -23.54 12.36
CA MET B 225 6.28 -25.01 12.30
C MET B 225 5.28 -25.72 11.37
N LYS B 226 4.03 -25.23 11.28
CA LYS B 226 3.03 -25.85 10.38
C LYS B 226 3.47 -25.55 8.95
N VAL B 227 4.00 -24.35 8.75
CA VAL B 227 4.42 -23.96 7.40
C VAL B 227 5.51 -24.91 6.91
N LEU B 228 6.39 -25.30 7.80
CA LEU B 228 7.46 -26.22 7.45
C LEU B 228 6.96 -27.46 6.72
N PHE B 229 5.77 -27.98 7.05
CA PHE B 229 5.29 -29.19 6.33
C PHE B 229 4.38 -28.82 5.16
N LEU B 230 3.71 -27.69 5.27
CA LEU B 230 2.83 -27.25 4.18
C LEU B 230 3.62 -26.94 2.85
N ILE B 231 4.71 -26.19 2.96
CA ILE B 231 5.45 -25.80 1.74
C ILE B 231 5.85 -27.00 0.90
N PRO B 232 6.50 -28.03 1.47
CA PRO B 232 6.87 -29.14 0.58
C PRO B 232 5.62 -29.87 0.09
N LYS B 233 4.64 -30.00 0.98
CA LYS B 233 3.40 -30.69 0.63
C LYS B 233 2.48 -30.05 -0.37
N ASN B 234 2.09 -28.79 -0.13
CA ASN B 234 1.11 -28.13 -1.02
C ASN B 234 1.59 -27.63 -2.38
N ASN B 235 0.61 -27.35 -3.24
CA ASN B 235 0.85 -26.74 -4.55
C ASN B 235 1.49 -25.41 -4.20
N PRO B 236 2.37 -24.90 -5.09
CA PRO B 236 3.00 -23.60 -4.76
C PRO B 236 1.96 -22.49 -4.60
N PRO B 237 2.27 -21.46 -3.80
CA PRO B 237 1.30 -20.39 -3.66
C PRO B 237 1.19 -19.61 -5.01
N THR B 238 0.06 -18.98 -5.24
CA THR B 238 -0.13 -18.13 -6.42
C THR B 238 -0.65 -16.78 -5.86
N LEU B 239 -0.54 -15.73 -6.65
CA LEU B 239 -1.03 -14.42 -6.25
C LEU B 239 -2.47 -14.30 -6.73
N GLU B 240 -3.36 -14.08 -5.78
CA GLU B 240 -4.75 -13.98 -6.14
C GLU B 240 -5.18 -12.53 -5.90
N GLY B 241 -6.25 -12.10 -6.56
CA GLY B 241 -6.72 -10.74 -6.38
C GLY B 241 -6.60 -9.90 -7.65
N ASN B 242 -6.89 -8.63 -7.51
CA ASN B 242 -6.82 -7.72 -8.63
C ASN B 242 -5.38 -7.25 -8.91
N TYR B 243 -4.63 -8.05 -9.66
CA TYR B 243 -3.28 -7.69 -10.04
C TYR B 243 -3.23 -8.04 -11.50
N SER B 244 -2.44 -7.30 -12.27
CA SER B 244 -2.32 -7.59 -13.68
C SER B 244 -1.88 -9.05 -13.88
N LYS B 245 -2.09 -9.58 -15.08
CA LYS B 245 -1.67 -10.95 -15.33
C LYS B 245 -0.17 -11.11 -15.34
N PRO B 246 0.59 -10.17 -15.93
CA PRO B 246 2.05 -10.33 -15.93
C PRO B 246 2.61 -10.44 -14.50
N LEU B 247 2.02 -9.72 -13.52
CA LEU B 247 2.53 -9.85 -12.14
C LEU B 247 2.23 -11.25 -11.62
N LYS B 248 1.00 -11.74 -11.81
CA LYS B 248 0.61 -13.09 -11.38
C LYS B 248 1.52 -14.15 -12.04
N GLU B 249 1.86 -13.90 -13.31
CA GLU B 249 2.74 -14.83 -14.05
C GLU B 249 4.16 -14.78 -13.57
N PHE B 250 4.62 -13.60 -13.15
CA PHE B 250 5.95 -13.44 -12.62
C PHE B 250 6.04 -14.29 -11.33
N VAL B 251 5.02 -14.21 -10.48
CA VAL B 251 5.01 -14.98 -9.24
C VAL B 251 5.02 -16.46 -9.60
N GLU B 252 4.16 -16.82 -10.52
CA GLU B 252 4.07 -18.22 -10.96
C GLU B 252 5.47 -18.70 -11.41
N ALA B 253 6.17 -17.91 -12.22
CA ALA B 253 7.48 -18.34 -12.70
C ALA B 253 8.44 -18.67 -11.59
N CYS B 254 8.49 -17.82 -10.55
CA CYS B 254 9.36 -18.04 -9.43
C CYS B 254 8.95 -19.21 -8.56
N LEU B 255 7.66 -19.31 -8.28
CA LEU B 255 7.19 -20.34 -7.36
C LEU B 255 6.82 -21.66 -8.01
N ASN B 256 7.83 -22.35 -8.52
CA ASN B 256 7.57 -23.65 -9.15
C ASN B 256 8.10 -24.62 -8.14
N LYS B 257 7.41 -25.71 -7.84
CA LYS B 257 7.99 -26.62 -6.84
C LYS B 257 9.35 -27.19 -7.24
N GLU B 258 9.61 -27.33 -8.54
CA GLU B 258 10.86 -27.91 -9.04
C GLU B 258 11.91 -26.78 -9.18
N PRO B 259 12.97 -26.82 -8.40
CA PRO B 259 13.92 -25.72 -8.54
C PRO B 259 14.48 -25.49 -9.94
N SER B 260 14.68 -26.56 -10.68
CA SER B 260 15.27 -26.41 -12.01
C SER B 260 14.35 -25.73 -13.00
N PHE B 261 13.04 -25.71 -12.69
CA PHE B 261 12.09 -25.08 -13.56
C PHE B 261 11.95 -23.55 -13.35
N ARG B 262 12.66 -23.03 -12.37
CA ARG B 262 12.64 -21.58 -12.07
C ARG B 262 13.71 -20.87 -12.95
N PRO B 263 13.36 -19.70 -13.49
CA PRO B 263 14.26 -18.92 -14.32
C PRO B 263 15.35 -18.29 -13.48
N THR B 264 16.44 -17.89 -14.12
CA THR B 264 17.49 -17.20 -13.41
C THR B 264 17.01 -15.75 -13.16
N ALA B 265 17.71 -15.03 -12.33
CA ALA B 265 17.42 -13.63 -12.04
C ALA B 265 17.63 -12.79 -13.33
N LYS B 266 18.70 -13.07 -14.07
CA LYS B 266 18.94 -12.40 -15.38
C LYS B 266 17.72 -12.47 -16.29
N GLU B 267 17.13 -13.62 -16.40
CA GLU B 267 15.94 -13.78 -17.22
C GLU B 267 14.68 -13.10 -16.68
N LEU B 268 14.49 -13.11 -15.35
CA LEU B 268 13.33 -12.43 -14.73
C LEU B 268 13.43 -10.94 -14.97
N LEU B 269 14.66 -10.45 -15.13
CA LEU B 269 14.85 -9.02 -15.41
C LEU B 269 14.21 -8.61 -16.75
N LYS B 270 13.97 -9.58 -17.62
CA LYS B 270 13.34 -9.35 -18.94
C LYS B 270 11.87 -9.77 -18.93
N HIS B 271 11.38 -10.18 -17.76
CA HIS B 271 10.02 -10.59 -17.67
C HIS B 271 9.18 -9.41 -18.04
N LYS B 272 8.09 -9.61 -18.80
CA LYS B 272 7.25 -8.49 -19.17
C LYS B 272 6.66 -7.70 -17.97
N PHE B 273 6.44 -8.33 -16.81
CA PHE B 273 5.94 -7.54 -15.67
C PHE B 273 6.99 -6.44 -15.31
N ILE B 274 8.28 -6.77 -15.36
CA ILE B 274 9.32 -5.82 -15.03
C ILE B 274 9.49 -4.71 -16.11
N LEU B 275 9.54 -5.16 -17.38
CA LEU B 275 9.76 -4.27 -18.51
C LEU B 275 8.65 -3.26 -18.64
N ARG B 276 7.43 -3.70 -18.34
CA ARG B 276 6.25 -2.87 -18.47
C ARG B 276 5.95 -1.92 -17.30
N ASN B 277 6.41 -2.26 -16.10
CA ASN B 277 6.04 -1.44 -14.93
C ASN B 277 7.16 -0.78 -14.17
N ALA B 278 8.35 -1.36 -14.27
CA ALA B 278 9.47 -0.85 -13.52
C ALA B 278 9.90 0.53 -14.01
N LYS B 279 10.27 1.42 -13.09
CA LYS B 279 10.69 2.75 -13.46
C LYS B 279 11.97 3.11 -12.75
N LYS B 280 12.36 4.36 -12.91
CA LYS B 280 13.56 4.93 -12.28
C LYS B 280 13.47 4.76 -10.75
N THR B 281 14.57 4.32 -10.10
CA THR B 281 14.55 4.16 -8.64
C THR B 281 14.26 5.46 -7.87
N SER B 282 14.59 6.61 -8.47
CA SER B 282 14.33 7.86 -7.77
C SER B 282 12.84 8.11 -7.51
N TYR B 283 11.94 7.53 -8.31
CA TYR B 283 10.51 7.71 -8.02
C TYR B 283 10.15 7.03 -6.71
N LEU B 284 11.07 6.21 -6.16
CA LEU B 284 10.78 5.56 -4.88
C LEU B 284 10.92 6.55 -3.72
N THR B 285 11.44 7.75 -3.97
CA THR B 285 11.55 8.71 -2.87
C THR B 285 10.15 9.05 -2.38
N GLU B 286 9.14 8.91 -3.23
CA GLU B 286 7.79 9.25 -2.75
C GLU B 286 7.33 8.20 -1.77
N LEU B 287 7.70 6.94 -2.00
CA LEU B 287 7.35 5.86 -1.06
C LEU B 287 8.13 6.04 0.26
N ILE B 288 9.40 6.46 0.13
CA ILE B 288 10.26 6.69 1.28
C ILE B 288 9.68 7.90 2.08
N ASP B 289 9.30 8.97 1.36
CA ASP B 289 8.70 10.15 2.00
C ASP B 289 7.36 9.74 2.65
N ARG B 290 6.61 8.85 2.00
CA ARG B 290 5.33 8.42 2.56
C ARG B 290 5.60 7.81 3.92
N TYR B 291 6.62 6.96 3.98
CA TYR B 291 6.96 6.27 5.21
C TYR B 291 7.46 7.24 6.27
N LYS B 292 8.23 8.23 5.83
CA LYS B 292 8.79 9.22 6.74
C LYS B 292 7.63 10.00 7.36
N ARG B 293 6.64 10.36 6.55
CA ARG B 293 5.50 11.08 7.11
C ARG B 293 4.77 10.18 8.06
N TRP B 294 4.41 9.00 7.58
CA TRP B 294 3.66 8.06 8.39
C TRP B 294 4.35 7.87 9.75
N LYS B 295 5.62 7.47 9.74
CA LYS B 295 6.38 7.25 10.98
C LYS B 295 6.29 8.47 11.91
N ALA B 296 6.00 9.63 11.33
CA ALA B 296 5.86 10.88 12.08
C ALA B 296 4.47 11.03 12.71
N GLU B 297 3.86 9.92 13.09
CA GLU B 297 2.54 9.95 13.72
C GLU B 297 2.30 8.65 14.44
N GLN B 298 3.32 8.20 15.15
CA GLN B 298 3.26 6.96 15.89
C GLN B 298 3.95 7.14 17.25
PB ATP C . -24.34 6.50 -9.12
O1B ATP C . -24.06 7.77 -9.86
O2B ATP C . -23.71 6.18 -7.87
O3B ATP C . -26.00 6.35 -8.96
PA ATP C . -23.21 4.39 -10.84
O1A ATP C . -23.79 3.93 -12.10
O2A ATP C . -21.93 5.18 -10.96
O3A ATP C . -24.37 5.20 -10.05
O5' ATP C . -22.79 3.26 -9.76
C5' ATP C . -23.36 2.79 -8.50
C4' ATP C . -22.64 1.42 -8.32
O4' ATP C . -21.90 0.90 -9.40
C3' ATP C . -21.57 1.41 -7.16
O3' ATP C . -22.05 1.91 -5.92
C2' ATP C . -21.18 -0.02 -7.38
O2' ATP C . -22.13 -0.98 -6.92
C1' ATP C . -20.87 -0.05 -8.95
N9 ATP C . -19.51 0.66 -9.24
C8 ATP C . -19.26 1.96 -9.74
N7 ATP C . -18.03 2.32 -9.90
C5 ATP C . -17.35 1.19 -9.51
C6 ATP C . -15.95 0.88 -9.44
N6 ATP C . -15.04 1.78 -9.79
N1 ATP C . -15.58 -0.39 -9.01
C2 ATP C . -16.52 -1.31 -8.64
N3 ATP C . -17.86 -1.11 -8.67
C4 ATP C . -18.23 0.16 -9.10
PB ATP D . 19.06 -7.99 12.00
O1B ATP D . 20.04 -8.91 11.35
O2B ATP D . 18.16 -7.17 11.23
O3B ATP D . 18.18 -8.86 13.14
PA ATP D . 20.88 -5.89 13.11
O1A ATP D . 21.57 -5.92 14.39
O2A ATP D . 21.75 -5.95 11.90
O3A ATP D . 19.77 -7.10 13.16
O5' ATP D . 19.97 -4.57 12.82
C5' ATP D . 18.50 -4.31 12.82
C4' ATP D . 18.42 -2.80 12.51
O4' ATP D . 19.60 -2.09 12.41
C3' ATP D . 17.65 -2.47 11.13
O3' ATP D . 16.35 -3.05 10.96
C2' ATP D . 17.84 -0.99 11.19
O2' ATP D . 16.92 -0.26 12.01
C1' ATP D . 19.39 -0.88 11.61
N9 ATP D . 20.43 -1.03 10.46
C8 ATP D . 21.33 -2.10 10.20
N7 ATP D . 22.12 -1.95 9.16
C5 ATP D . 21.76 -0.71 8.67
C6 ATP D . 22.23 0.07 7.58
N6 ATP D . 23.21 -0.39 6.80
N1 ATP D . 21.63 1.31 7.37
C2 ATP D . 20.65 1.79 8.16
N3 ATP D . 20.13 1.12 9.23
C4 ATP D . 20.71 -0.12 9.44
#